data_5TD6
#
_entry.id   5TD6
#
_cell.length_a   64.992
_cell.length_b   64.992
_cell.length_c   133.570
_cell.angle_alpha   90.00
_cell.angle_beta   90.00
_cell.angle_gamma   120.00
#
_symmetry.space_group_name_H-M   'P 31 2 1'
#
loop_
_entity.id
_entity.type
_entity.pdbx_description
1 polymer 'FOG-3 protein'
2 non-polymer 'SULFATE ION'
3 water water
#
_entity_poly.entity_id   1
_entity_poly.type   'polypeptide(L)'
_entity_poly.pdbx_seq_one_letter_code
;MYTEVRELVNFVCRYLFGHIPRRPVGIFGAELGNYLVSHFSSTWDVNHPKNGEMKRMINTTTSLCFASSAEEAGVPPSDV
LRLLPTNMIIFANPGHVFVRLSENGIETPIWIGDVNADENYQSVPEYVVRTAAIRAEHHHHHH
;
_entity_poly.pdbx_strand_id   A,B
#
loop_
_chem_comp.id
_chem_comp.type
_chem_comp.name
_chem_comp.formula
SO4 non-polymer 'SULFATE ION' 'O4 S -2'
#
# COMPACT_ATOMS: atom_id res chain seq x y z
N MET A 1 -5.80 6.13 11.03
CA MET A 1 -6.01 7.21 10.09
CA MET A 1 -6.01 7.22 10.08
C MET A 1 -4.87 7.33 9.07
N TYR A 2 -3.64 7.46 9.56
CA TYR A 2 -2.49 7.59 8.65
C TYR A 2 -2.34 6.35 7.78
N THR A 3 -2.51 5.19 8.39
CA THR A 3 -2.36 3.92 7.70
C THR A 3 -3.33 3.84 6.54
N GLU A 4 -4.60 4.10 6.83
CA GLU A 4 -5.66 4.04 5.83
C GLU A 4 -5.40 5.01 4.68
N VAL A 5 -5.03 6.24 5.02
CA VAL A 5 -4.77 7.25 3.98
C VAL A 5 -3.58 6.87 3.10
N ARG A 6 -2.52 6.36 3.71
CA ARG A 6 -1.38 5.90 2.93
C ARG A 6 -1.75 4.79 1.93
N GLU A 7 -2.54 3.83 2.37
CA GLU A 7 -2.95 2.72 1.51
C GLU A 7 -3.84 3.21 0.37
N LEU A 8 -4.71 4.16 0.69
CA LEU A 8 -5.51 4.79 -0.37
C LEU A 8 -4.60 5.48 -1.39
N VAL A 9 -3.71 6.33 -0.90
CA VAL A 9 -2.81 7.09 -1.76
C VAL A 9 -1.98 6.16 -2.67
N ASN A 10 -1.44 5.08 -2.09
CA ASN A 10 -0.59 4.18 -2.86
C ASN A 10 -1.39 3.40 -3.90
N PHE A 11 -2.64 3.10 -3.56
CA PHE A 11 -3.54 2.48 -4.50
C PHE A 11 -3.64 3.34 -5.76
N VAL A 12 -3.93 4.62 -5.55
CA VAL A 12 -4.03 5.56 -6.64
C VAL A 12 -2.70 5.68 -7.38
N CYS A 13 -1.60 5.79 -6.62
CA CYS A 13 -0.28 5.96 -7.25
C CYS A 13 0.13 4.74 -8.06
N ARG A 14 -0.38 3.55 -7.71
CA ARG A 14 -0.04 2.37 -8.51
C ARG A 14 -0.58 2.45 -9.96
N TYR A 15 -1.53 3.34 -10.23
CA TYR A 15 -1.91 3.59 -11.63
C TYR A 15 -0.88 4.48 -12.34
N LEU A 16 0.00 5.10 -11.55
CA LEU A 16 0.88 6.16 -12.07
C LEU A 16 2.34 5.68 -12.23
N PHE A 17 2.77 4.78 -11.35
CA PHE A 17 4.14 4.27 -11.37
C PHE A 17 4.46 3.73 -12.75
N GLY A 18 5.61 4.13 -13.28
CA GLY A 18 6.06 3.65 -14.58
C GLY A 18 5.63 4.54 -15.73
N HIS A 19 4.60 5.35 -15.49
CA HIS A 19 4.04 6.23 -16.52
C HIS A 19 4.50 7.66 -16.33
N ILE A 20 4.58 8.06 -15.07
CA ILE A 20 4.94 9.42 -14.67
C ILE A 20 6.20 9.26 -13.81
N PRO A 21 7.17 10.18 -13.93
CA PRO A 21 8.39 9.95 -13.14
C PRO A 21 8.18 9.94 -11.62
N ARG A 22 9.11 9.28 -10.93
CA ARG A 22 9.01 9.05 -9.49
C ARG A 22 8.78 10.31 -8.65
N ARG A 23 9.54 11.38 -8.90
CA ARG A 23 9.43 12.53 -8.02
C ARG A 23 8.07 13.24 -8.06
N PRO A 24 7.54 13.56 -9.26
CA PRO A 24 6.21 14.15 -9.20
C PRO A 24 5.11 13.19 -8.71
N VAL A 25 5.25 11.89 -8.92
CA VAL A 25 4.28 10.98 -8.32
C VAL A 25 4.32 11.07 -6.79
N GLY A 26 5.52 11.21 -6.23
CA GLY A 26 5.67 11.30 -4.79
C GLY A 26 4.99 12.55 -4.25
N ILE A 27 5.22 13.68 -4.93
CA ILE A 27 4.59 14.94 -4.55
C ILE A 27 3.09 14.89 -4.70
N PHE A 28 2.61 14.32 -5.82
CA PHE A 28 1.19 14.07 -6.01
C PHE A 28 0.60 13.28 -4.85
N GLY A 29 1.23 12.16 -4.53
CA GLY A 29 0.75 11.31 -3.44
C GLY A 29 0.74 12.03 -2.10
N ALA A 30 1.80 12.80 -1.84
CA ALA A 30 1.95 13.51 -0.58
C ALA A 30 0.81 14.51 -0.42
N GLU A 31 0.58 15.31 -1.44
CA GLU A 31 -0.47 16.31 -1.42
C GLU A 31 -1.86 15.68 -1.34
N LEU A 32 -2.07 14.56 -2.03
CA LEU A 32 -3.35 13.86 -1.94
C LEU A 32 -3.59 13.38 -0.50
N GLY A 33 -2.57 12.78 0.10
CA GLY A 33 -2.71 12.27 1.46
C GLY A 33 -2.98 13.39 2.44
N ASN A 34 -2.37 14.54 2.21
CA ASN A 34 -2.58 15.68 3.10
C ASN A 34 -4.00 16.18 2.98
N TYR A 35 -4.51 16.26 1.76
CA TYR A 35 -5.91 16.58 1.59
C TYR A 35 -6.82 15.59 2.31
N LEU A 36 -6.52 14.31 2.15
CA LEU A 36 -7.37 13.26 2.70
C LEU A 36 -7.31 13.22 4.22
N VAL A 37 -6.13 13.37 4.79
CA VAL A 37 -6.00 13.23 6.24
C VAL A 37 -6.76 14.37 6.93
N SER A 38 -6.86 15.52 6.28
CA SER A 38 -7.60 16.66 6.83
C SER A 38 -9.09 16.51 6.58
N HIS A 39 -9.45 16.04 5.39
CA HIS A 39 -10.84 15.85 4.97
C HIS A 39 -11.49 14.67 5.69
N PHE A 40 -10.65 13.81 6.29
CA PHE A 40 -11.14 12.63 6.98
C PHE A 40 -11.25 12.87 8.49
N SER A 41 -10.42 13.76 9.01
CA SER A 41 -10.21 13.88 10.46
C SER A 41 -11.49 14.18 11.24
N SER A 42 -12.36 15.00 10.65
CA SER A 42 -13.59 15.40 11.31
C SER A 42 -14.56 14.24 11.60
N THR A 43 -14.46 13.14 10.86
CA THR A 43 -15.40 12.03 11.06
C THR A 43 -14.75 10.71 11.49
N TRP A 44 -13.42 10.68 11.51
CA TRP A 44 -12.72 9.43 11.86
C TRP A 44 -13.05 8.98 13.29
N ASP A 45 -13.89 7.96 13.39
CA ASP A 45 -14.29 7.39 14.66
C ASP A 45 -13.90 5.92 14.67
N VAL A 46 -12.77 5.58 15.30
CA VAL A 46 -12.31 4.18 15.25
C VAL A 46 -13.27 3.26 16.02
N ASN A 47 -14.17 3.84 16.80
CA ASN A 47 -15.16 3.05 17.52
C ASN A 47 -16.40 2.75 16.66
N HIS A 48 -16.61 3.53 15.61
CA HIS A 48 -17.66 3.25 14.63
C HIS A 48 -17.19 3.53 13.20
N PRO A 49 -16.45 2.57 12.62
CA PRO A 49 -15.82 2.73 11.31
C PRO A 49 -16.76 3.21 10.19
N LYS A 50 -18.02 2.77 10.17
CA LYS A 50 -18.89 3.17 9.07
C LYS A 50 -19.43 4.59 9.22
N ASN A 51 -19.24 5.19 10.39
CA ASN A 51 -19.70 6.55 10.60
C ASN A 51 -18.88 7.56 9.82
N GLY A 52 -19.55 8.30 8.93
CA GLY A 52 -18.91 9.28 8.09
C GLY A 52 -18.39 8.66 6.80
N GLU A 53 -18.63 7.36 6.62
CA GLU A 53 -18.17 6.63 5.43
C GLU A 53 -18.52 7.35 4.14
N MET A 54 -19.78 7.73 3.98
CA MET A 54 -20.17 8.32 2.71
C MET A 54 -19.69 9.77 2.62
N LYS A 55 -19.42 10.39 3.76
CA LYS A 55 -18.84 11.73 3.76
C LYS A 55 -17.39 11.69 3.27
N ARG A 56 -16.73 10.56 3.49
CA ARG A 56 -15.30 10.46 3.20
C ARG A 56 -15.01 9.91 1.78
N MET A 57 -15.98 9.27 1.15
CA MET A 57 -15.69 8.56 -0.10
C MET A 57 -15.28 9.52 -1.22
N ILE A 58 -14.34 9.12 -2.06
CA ILE A 58 -14.00 9.95 -3.22
C ILE A 58 -14.25 9.24 -4.56
N ASN A 59 -14.54 10.04 -5.58
CA ASN A 59 -14.90 9.54 -6.90
C ASN A 59 -13.82 9.95 -7.90
N THR A 60 -13.36 9.02 -8.72
CA THR A 60 -12.25 9.35 -9.61
C THR A 60 -12.70 10.29 -10.73
N THR A 61 -14.00 10.35 -10.94
CA THR A 61 -14.59 11.16 -12.00
C THR A 61 -15.03 12.55 -11.51
N THR A 62 -15.46 12.65 -10.26
CA THR A 62 -16.05 13.91 -9.79
C THR A 62 -15.34 14.57 -8.61
N SER A 63 -14.40 13.91 -7.96
CA SER A 63 -13.66 14.57 -6.88
C SER A 63 -12.60 15.49 -7.44
N LEU A 64 -12.48 16.68 -6.87
CA LEU A 64 -11.54 17.66 -7.37
C LEU A 64 -10.13 17.34 -6.88
N CYS A 65 -10.01 16.45 -5.90
CA CYS A 65 -8.73 16.26 -5.22
C CYS A 65 -7.67 15.65 -6.14
N PHE A 66 -8.08 14.89 -7.14
CA PHE A 66 -7.11 14.31 -8.06
C PHE A 66 -6.46 15.42 -8.91
N ALA A 67 -7.26 16.27 -9.54
CA ALA A 67 -6.69 17.37 -10.33
C ALA A 67 -5.86 18.33 -9.48
N SER A 68 -6.34 18.66 -8.29
CA SER A 68 -5.63 19.65 -7.48
C SER A 68 -4.27 19.09 -7.00
N SER A 69 -4.22 17.79 -6.68
CA SER A 69 -2.94 17.21 -6.27
C SER A 69 -1.97 17.15 -7.45
N ALA A 70 -2.52 16.94 -8.65
CA ALA A 70 -1.70 16.90 -9.84
C ALA A 70 -1.05 18.26 -10.11
N GLU A 71 -1.85 19.33 -9.98
CA GLU A 71 -1.31 20.69 -10.20
C GLU A 71 -0.18 21.00 -9.24
N GLU A 72 -0.35 20.60 -7.99
CA GLU A 72 0.69 20.81 -6.98
C GLU A 72 2.00 20.10 -7.37
N ALA A 73 1.87 18.95 -8.01
CA ALA A 73 3.05 18.19 -8.41
C ALA A 73 3.67 18.68 -9.71
N GLY A 74 3.12 19.75 -10.28
CA GLY A 74 3.54 20.21 -11.58
C GLY A 74 3.22 19.20 -12.68
N VAL A 75 2.15 18.42 -12.48
CA VAL A 75 1.73 17.43 -13.47
C VAL A 75 0.43 17.86 -14.13
N PRO A 76 0.38 17.92 -15.47
CA PRO A 76 -0.91 18.26 -16.09
C PRO A 76 -1.98 17.27 -15.62
N PRO A 77 -3.06 17.79 -15.01
CA PRO A 77 -4.15 16.97 -14.48
C PRO A 77 -4.67 15.94 -15.48
N SER A 78 -4.64 16.27 -16.76
CA SER A 78 -5.09 15.34 -17.79
C SER A 78 -4.20 14.08 -17.84
N ASP A 79 -2.94 14.21 -17.46
CA ASP A 79 -2.04 13.06 -17.46
C ASP A 79 -2.44 12.06 -16.39
N VAL A 80 -2.79 12.55 -15.20
CA VAL A 80 -3.25 11.68 -14.13
C VAL A 80 -4.60 11.09 -14.48
N LEU A 81 -5.53 11.94 -14.93
CA LEU A 81 -6.89 11.49 -15.14
C LEU A 81 -6.97 10.46 -16.29
N ARG A 82 -6.07 10.58 -17.26
CA ARG A 82 -5.99 9.58 -18.32
C ARG A 82 -5.64 8.22 -17.77
N LEU A 83 -4.81 8.20 -16.73
CA LEU A 83 -4.30 6.95 -16.15
C LEU A 83 -5.23 6.34 -15.09
N LEU A 84 -6.08 7.16 -14.48
CA LEU A 84 -7.02 6.67 -13.46
C LEU A 84 -8.33 6.18 -14.08
N PRO A 85 -8.80 5.00 -13.66
CA PRO A 85 -10.11 4.50 -14.11
C PRO A 85 -11.22 5.50 -13.79
N THR A 86 -12.23 5.58 -14.64
CA THR A 86 -13.35 6.50 -14.41
C THR A 86 -14.42 5.84 -13.54
N ASN A 87 -15.24 6.67 -12.89
CA ASN A 87 -16.36 6.20 -12.07
C ASN A 87 -15.94 5.10 -11.11
N MET A 88 -14.84 5.37 -10.43
CA MET A 88 -14.32 4.46 -9.43
C MET A 88 -14.50 5.17 -8.11
N ILE A 89 -15.17 4.51 -7.18
CA ILE A 89 -15.42 5.12 -5.87
C ILE A 89 -14.57 4.46 -4.82
N ILE A 90 -13.81 5.26 -4.10
CA ILE A 90 -12.83 4.77 -3.12
C ILE A 90 -13.27 5.15 -1.71
N PHE A 91 -13.32 4.16 -0.82
CA PHE A 91 -13.73 4.39 0.55
C PHE A 91 -12.58 4.19 1.51
N ALA A 92 -12.58 4.99 2.58
CA ALA A 92 -11.61 4.81 3.65
C ALA A 92 -12.32 5.04 4.96
N ASN A 93 -12.40 3.96 5.73
CA ASN A 93 -12.91 3.95 7.09
C ASN A 93 -11.83 3.40 8.00
N PRO A 94 -11.92 3.69 9.31
CA PRO A 94 -10.98 3.04 10.22
C PRO A 94 -10.91 1.54 9.98
N GLY A 95 -9.72 1.05 9.69
CA GLY A 95 -9.52 -0.38 9.57
C GLY A 95 -9.86 -0.98 8.21
N HIS A 96 -10.31 -0.17 7.27
CA HIS A 96 -10.86 -0.71 6.04
C HIS A 96 -10.81 0.30 4.91
N VAL A 97 -9.98 0.01 3.91
CA VAL A 97 -9.94 0.81 2.70
C VAL A 97 -10.33 -0.08 1.53
N PHE A 98 -11.25 0.38 0.69
CA PHE A 98 -11.73 -0.45 -0.40
C PHE A 98 -12.23 0.41 -1.54
N VAL A 99 -12.41 -0.20 -2.70
CA VAL A 99 -12.81 0.53 -3.88
C VAL A 99 -13.90 -0.23 -4.62
N ARG A 100 -14.88 0.50 -5.13
CA ARG A 100 -15.95 -0.14 -5.87
C ARG A 100 -16.03 0.42 -7.28
N LEU A 101 -16.20 -0.49 -8.23
CA LEU A 101 -16.42 -0.11 -9.61
C LEU A 101 -17.88 -0.38 -9.99
N SER A 102 -18.73 0.66 -9.94
CA SER A 102 -20.18 0.48 -10.13
C SER A 102 -20.54 0.01 -11.54
N GLU A 103 -19.64 0.23 -12.48
CA GLU A 103 -19.84 -0.23 -13.85
C GLU A 103 -19.88 -1.75 -13.95
N ASN A 104 -19.29 -2.45 -12.98
CA ASN A 104 -19.17 -3.91 -13.06
C ASN A 104 -19.54 -4.65 -11.79
N GLY A 105 -19.96 -3.92 -10.76
CA GLY A 105 -20.37 -4.56 -9.52
C GLY A 105 -19.20 -5.25 -8.83
N ILE A 106 -18.00 -4.70 -9.01
CA ILE A 106 -16.81 -5.28 -8.39
C ILE A 106 -16.25 -4.39 -7.28
N GLU A 107 -15.93 -5.00 -6.14
CA GLU A 107 -15.28 -4.32 -5.04
C GLU A 107 -13.90 -4.92 -4.80
N THR A 108 -12.93 -4.08 -4.47
CA THR A 108 -11.60 -4.56 -4.11
C THR A 108 -11.20 -4.05 -2.73
N PRO A 109 -10.85 -4.98 -1.82
CA PRO A 109 -10.31 -4.53 -0.55
C PRO A 109 -8.88 -4.04 -0.74
N ILE A 110 -8.66 -2.76 -0.48
CA ILE A 110 -7.32 -2.19 -0.64
C ILE A 110 -6.52 -2.49 0.64
N TRP A 111 -7.15 -2.33 1.79
CA TRP A 111 -6.50 -2.60 3.08
C TRP A 111 -7.50 -2.92 4.15
N ILE A 112 -7.18 -3.93 4.95
CA ILE A 112 -7.95 -4.24 6.15
C ILE A 112 -6.97 -4.43 7.31
N GLY A 113 -7.22 -3.74 8.41
CA GLY A 113 -6.38 -3.93 9.56
C GLY A 113 -6.98 -3.43 10.86
N ASP A 114 -6.15 -3.38 11.88
CA ASP A 114 -6.48 -2.88 13.21
C ASP A 114 -6.89 -1.40 13.13
N VAL A 115 -7.99 -0.98 13.74
CA VAL A 115 -8.32 0.45 13.71
C VAL A 115 -7.29 1.31 14.47
N ASN A 116 -6.39 0.67 15.23
CA ASN A 116 -5.32 1.40 15.91
C ASN A 116 -3.93 1.15 15.33
N ALA A 117 -3.87 0.80 14.05
CA ALA A 117 -2.61 0.43 13.43
C ALA A 117 -1.58 1.57 13.42
N ASP A 118 -2.06 2.81 13.51
CA ASP A 118 -1.17 3.96 13.55
C ASP A 118 -0.16 3.90 14.70
N GLU A 119 -0.49 3.10 15.71
CA GLU A 119 0.42 2.89 16.84
C GLU A 119 1.77 2.37 16.34
N ASN A 120 1.78 1.71 15.20
CA ASN A 120 3.03 1.26 14.61
C ASN A 120 3.16 1.71 13.16
N TYR A 121 2.67 2.92 12.89
CA TYR A 121 2.78 3.54 11.57
C TYR A 121 4.25 3.77 11.23
N GLN A 122 4.67 3.30 10.06
CA GLN A 122 6.08 3.25 9.64
C GLN A 122 7.04 3.00 10.79
N SER A 123 6.80 1.96 11.58
CA SER A 123 7.77 1.61 12.61
C SER A 123 8.66 0.47 12.13
N VAL A 124 9.70 0.18 12.91
CA VAL A 124 10.72 -0.78 12.51
C VAL A 124 10.97 -1.86 13.57
N MET B 1 14.46 0.28 2.89
CA MET B 1 14.28 -1.15 3.17
CA MET B 1 14.30 -1.13 3.22
C MET B 1 12.90 -1.48 3.72
N TYR B 2 12.49 -0.81 4.80
CA TYR B 2 11.25 -1.18 5.46
C TYR B 2 10.03 -0.78 4.64
N THR B 3 10.13 0.36 3.98
CA THR B 3 9.12 0.79 3.00
C THR B 3 8.87 -0.31 1.96
N GLU B 4 9.95 -0.80 1.35
CA GLU B 4 9.81 -1.78 0.28
C GLU B 4 9.22 -3.08 0.80
N VAL B 5 9.68 -3.53 1.97
CA VAL B 5 9.14 -4.74 2.58
C VAL B 5 7.66 -4.56 2.87
N ARG B 6 7.29 -3.39 3.39
CA ARG B 6 5.89 -3.15 3.71
C ARG B 6 5.05 -3.19 2.44
N GLU B 7 5.55 -2.60 1.35
CA GLU B 7 4.81 -2.63 0.09
C GLU B 7 4.67 -4.07 -0.44
N LEU B 8 5.73 -4.87 -0.30
CA LEU B 8 5.68 -6.29 -0.73
C LEU B 8 4.66 -7.05 0.12
N VAL B 9 4.74 -6.87 1.42
CA VAL B 9 3.83 -7.58 2.34
C VAL B 9 2.39 -7.19 2.06
N ASN B 10 2.16 -5.92 1.80
CA ASN B 10 0.79 -5.47 1.58
C ASN B 10 0.27 -5.95 0.22
N PHE B 11 1.15 -6.03 -0.77
CA PHE B 11 0.80 -6.64 -2.04
C PHE B 11 0.27 -8.06 -1.87
N VAL B 12 1.00 -8.87 -1.11
CA VAL B 12 0.61 -10.24 -0.86
C VAL B 12 -0.70 -10.33 -0.06
N CYS B 13 -0.81 -9.52 0.99
CA CYS B 13 -2.00 -9.51 1.84
C CYS B 13 -3.25 -9.03 1.12
N ARG B 14 -3.12 -8.25 0.04
CA ARG B 14 -4.31 -7.85 -0.72
C ARG B 14 -4.99 -9.05 -1.40
N TYR B 15 -4.30 -10.19 -1.49
CA TYR B 15 -4.96 -11.43 -1.94
C TYR B 15 -5.73 -12.11 -0.80
N LEU B 16 -5.40 -11.73 0.43
CA LEU B 16 -5.93 -12.38 1.63
C LEU B 16 -7.08 -11.62 2.25
N PHE B 17 -7.05 -10.28 2.14
CA PHE B 17 -8.04 -9.43 2.83
C PHE B 17 -9.44 -9.87 2.51
N GLY B 18 -10.24 -10.09 3.54
CA GLY B 18 -11.63 -10.49 3.37
C GLY B 18 -11.85 -11.99 3.20
N HIS B 19 -10.78 -12.77 3.08
CA HIS B 19 -10.92 -14.20 2.91
C HIS B 19 -10.25 -14.95 4.06
N ILE B 20 -9.38 -14.25 4.78
CA ILE B 20 -8.80 -14.76 6.00
C ILE B 20 -9.11 -13.70 7.04
N PRO B 21 -9.52 -14.11 8.26
CA PRO B 21 -9.90 -13.10 9.26
C PRO B 21 -8.78 -12.10 9.54
N ARG B 22 -9.16 -10.93 10.05
CA ARG B 22 -8.28 -9.78 10.22
C ARG B 22 -7.04 -10.06 11.07
N ARG B 23 -7.26 -10.74 12.19
CA ARG B 23 -6.17 -10.96 13.15
C ARG B 23 -5.07 -11.88 12.60
N PRO B 24 -5.44 -13.04 12.01
CA PRO B 24 -4.37 -13.87 11.44
C PRO B 24 -3.63 -13.22 10.26
N VAL B 25 -4.36 -12.59 9.35
CA VAL B 25 -3.73 -11.86 8.24
C VAL B 25 -2.67 -10.87 8.76
N GLY B 26 -3.00 -10.16 9.85
CA GLY B 26 -2.08 -9.19 10.42
C GLY B 26 -0.80 -9.82 10.93
N ILE B 27 -0.94 -11.03 11.44
CA ILE B 27 0.19 -11.73 12.05
C ILE B 27 1.01 -12.38 10.94
N PHE B 28 0.30 -12.82 9.90
CA PHE B 28 0.98 -13.31 8.72
C PHE B 28 1.85 -12.23 8.08
N GLY B 29 1.31 -11.02 7.97
CA GLY B 29 2.05 -9.94 7.34
C GLY B 29 3.25 -9.53 8.16
N ALA B 30 3.10 -9.56 9.48
CA ALA B 30 4.20 -9.19 10.37
C ALA B 30 5.33 -10.21 10.24
N GLU B 31 4.97 -11.50 10.24
CA GLU B 31 5.94 -12.57 10.10
C GLU B 31 6.65 -12.55 8.75
N LEU B 32 5.88 -12.33 7.69
CA LEU B 32 6.46 -12.27 6.36
C LEU B 32 7.44 -11.09 6.28
N GLY B 33 7.04 -9.98 6.89
CA GLY B 33 7.84 -8.78 6.89
C GLY B 33 9.17 -9.05 7.56
N ASN B 34 9.12 -9.70 8.71
CA ASN B 34 10.36 -10.03 9.41
C ASN B 34 11.27 -10.95 8.60
N TYR B 35 10.72 -12.02 8.02
CA TYR B 35 11.51 -12.90 7.16
C TYR B 35 12.17 -12.11 6.04
N LEU B 36 11.41 -11.22 5.43
CA LEU B 36 11.89 -10.51 4.27
C LEU B 36 13.03 -9.57 4.65
N VAL B 37 12.89 -8.92 5.79
CA VAL B 37 13.93 -8.03 6.27
C VAL B 37 15.23 -8.82 6.43
N SER B 38 15.15 -9.99 7.06
CA SER B 38 16.31 -10.85 7.21
C SER B 38 16.90 -11.26 5.85
N HIS B 39 16.02 -11.67 4.94
CA HIS B 39 16.38 -12.18 3.62
C HIS B 39 17.00 -11.09 2.73
N PHE B 40 16.57 -9.84 2.93
CA PHE B 40 17.00 -8.72 2.09
C PHE B 40 18.26 -7.99 2.60
N SER B 41 18.50 -8.07 3.91
CA SER B 41 19.48 -7.20 4.57
C SER B 41 20.92 -7.34 4.05
N SER B 42 21.36 -8.55 3.77
CA SER B 42 22.76 -8.72 3.41
C SER B 42 23.11 -8.21 1.99
N THR B 43 22.12 -8.02 1.12
CA THR B 43 22.43 -7.55 -0.23
C THR B 43 21.89 -6.14 -0.53
N TRP B 44 21.14 -5.57 0.41
CA TRP B 44 20.50 -4.28 0.20
C TRP B 44 21.53 -3.15 0.08
N ASP B 45 21.61 -2.55 -1.10
CA ASP B 45 22.53 -1.44 -1.34
C ASP B 45 21.79 -0.32 -2.08
N VAL B 46 21.44 0.73 -1.34
CA VAL B 46 20.58 1.77 -1.92
C VAL B 46 21.26 2.48 -3.08
N ASN B 47 22.59 2.47 -3.11
CA ASN B 47 23.33 3.12 -4.20
C ASN B 47 23.35 2.26 -5.46
N HIS B 48 23.05 0.97 -5.32
CA HIS B 48 22.92 0.10 -6.49
C HIS B 48 21.73 -0.82 -6.31
N PRO B 49 20.53 -0.32 -6.66
CA PRO B 49 19.27 -1.06 -6.43
C PRO B 49 19.24 -2.46 -7.04
N LYS B 50 19.93 -2.67 -8.17
CA LYS B 50 19.86 -3.96 -8.84
C LYS B 50 20.79 -5.00 -8.22
N ASN B 51 21.84 -4.55 -7.53
CA ASN B 51 22.77 -5.47 -6.87
C ASN B 51 22.00 -6.36 -5.90
N GLY B 52 22.04 -7.67 -6.15
CA GLY B 52 21.39 -8.65 -5.29
C GLY B 52 19.94 -8.92 -5.66
N GLU B 53 19.48 -8.33 -6.75
CA GLU B 53 18.09 -8.45 -7.19
C GLU B 53 17.61 -9.91 -7.30
N MET B 54 18.46 -10.76 -7.82
CA MET B 54 18.09 -12.15 -8.03
C MET B 54 18.02 -12.90 -6.72
N LYS B 55 18.98 -12.65 -5.83
CA LYS B 55 18.97 -13.32 -4.53
C LYS B 55 17.74 -12.98 -3.71
N ARG B 56 17.13 -11.82 -3.98
CA ARG B 56 16.02 -11.35 -3.16
C ARG B 56 14.67 -11.77 -3.68
N MET B 57 14.59 -12.08 -4.97
CA MET B 57 13.32 -12.38 -5.60
C MET B 57 12.61 -13.54 -4.89
N ILE B 58 11.29 -13.46 -4.83
CA ILE B 58 10.45 -14.46 -4.19
CA ILE B 58 10.53 -14.56 -4.24
C ILE B 58 9.48 -15.04 -5.21
N ASN B 59 9.06 -16.29 -5.01
CA ASN B 59 8.10 -16.99 -5.87
C ASN B 59 6.93 -17.47 -5.02
N THR B 60 5.71 -17.07 -5.38
CA THR B 60 4.55 -17.35 -4.53
C THR B 60 4.28 -18.85 -4.35
N THR B 61 4.86 -19.66 -5.24
CA THR B 61 4.68 -21.10 -5.14
C THR B 61 5.88 -21.78 -4.44
N THR B 62 7.07 -21.48 -4.92
CA THR B 62 8.25 -22.24 -4.49
C THR B 62 9.06 -21.63 -3.35
N SER B 63 8.80 -20.37 -3.00
CA SER B 63 9.47 -19.78 -1.84
C SER B 63 8.74 -20.19 -0.58
N LEU B 64 9.49 -20.75 0.38
CA LEU B 64 8.87 -21.28 1.59
C LEU B 64 8.44 -20.22 2.57
N CYS B 65 8.81 -18.96 2.32
CA CYS B 65 8.47 -17.93 3.28
C CYS B 65 6.95 -17.77 3.44
N PHE B 66 6.19 -18.03 2.38
CA PHE B 66 4.75 -17.90 2.52
C PHE B 66 4.14 -18.93 3.48
N ALA B 67 4.48 -20.20 3.29
CA ALA B 67 3.94 -21.27 4.14
C ALA B 67 4.40 -21.14 5.59
N SER B 68 5.68 -20.85 5.76
CA SER B 68 6.22 -20.72 7.11
C SER B 68 5.66 -19.48 7.82
N SER B 69 5.39 -18.41 7.07
CA SER B 69 4.75 -17.24 7.67
C SER B 69 3.32 -17.56 8.10
N ALA B 70 2.63 -18.37 7.31
CA ALA B 70 1.29 -18.84 7.64
C ALA B 70 1.30 -19.63 8.95
N GLU B 71 2.15 -20.65 8.99
CA GLU B 71 2.36 -21.48 10.18
C GLU B 71 2.54 -20.62 11.43
N GLU B 72 3.42 -19.63 11.34
CA GLU B 72 3.72 -18.76 12.49
C GLU B 72 2.52 -17.94 12.95
N ALA B 73 1.47 -17.90 12.13
CA ALA B 73 0.32 -17.06 12.41
C ALA B 73 -0.92 -17.87 12.73
N GLY B 74 -0.75 -19.18 12.89
CA GLY B 74 -1.85 -20.06 13.23
C GLY B 74 -2.73 -20.42 12.04
N VAL B 75 -2.52 -19.73 10.94
CA VAL B 75 -3.26 -19.98 9.72
C VAL B 75 -2.75 -21.23 9.04
N PRO B 76 -3.61 -22.23 8.83
CA PRO B 76 -3.28 -23.39 8.00
C PRO B 76 -2.67 -22.95 6.67
N PRO B 77 -1.41 -23.33 6.41
CA PRO B 77 -0.70 -22.96 5.19
C PRO B 77 -1.50 -23.20 3.91
N SER B 78 -2.43 -24.15 3.94
CA SER B 78 -3.26 -24.41 2.76
C SER B 78 -4.18 -23.22 2.51
N ASP B 79 -4.68 -22.60 3.57
CA ASP B 79 -5.55 -21.45 3.42
C ASP B 79 -4.89 -20.33 2.64
N VAL B 80 -3.61 -20.08 2.89
CA VAL B 80 -2.87 -19.05 2.18
C VAL B 80 -2.43 -19.53 0.81
N LEU B 81 -1.95 -20.76 0.74
CA LEU B 81 -1.54 -21.38 -0.53
C LEU B 81 -2.60 -21.22 -1.61
N ARG B 82 -3.86 -21.49 -1.26
CA ARG B 82 -4.91 -21.44 -2.25
C ARG B 82 -5.26 -20.01 -2.69
N LEU B 83 -5.11 -19.03 -1.79
CA LEU B 83 -5.50 -17.65 -2.11
C LEU B 83 -4.45 -16.86 -2.90
N LEU B 84 -3.19 -17.28 -2.83
CA LEU B 84 -2.13 -16.60 -3.56
C LEU B 84 -2.10 -17.09 -5.01
N PRO B 85 -1.62 -16.26 -5.93
CA PRO B 85 -1.42 -16.69 -7.32
C PRO B 85 -0.32 -17.74 -7.42
N THR B 86 -0.38 -18.62 -8.40
CA THR B 86 0.65 -19.63 -8.56
C THR B 86 1.80 -19.10 -9.42
N ASN B 87 3.03 -19.37 -8.97
CA ASN B 87 4.24 -19.06 -9.72
C ASN B 87 4.39 -17.59 -10.13
N MET B 88 3.95 -16.68 -9.28
CA MET B 88 4.28 -15.27 -9.45
C MET B 88 5.64 -14.95 -8.85
N ILE B 89 6.47 -14.21 -9.59
CA ILE B 89 7.79 -13.84 -9.09
C ILE B 89 7.77 -12.37 -8.73
N ILE B 90 8.14 -12.06 -7.49
CA ILE B 90 8.09 -10.70 -6.95
C ILE B 90 9.50 -10.26 -6.54
N PHE B 91 9.86 -9.05 -6.95
CA PHE B 91 11.18 -8.48 -6.68
C PHE B 91 11.03 -7.28 -5.76
N ALA B 92 11.97 -7.13 -4.86
CA ALA B 92 12.06 -5.94 -4.02
C ALA B 92 13.50 -5.44 -4.04
N ASN B 93 13.68 -4.25 -4.61
CA ASN B 93 14.94 -3.55 -4.66
C ASN B 93 14.80 -2.18 -3.98
N PRO B 94 15.93 -1.57 -3.57
CA PRO B 94 15.85 -0.17 -3.13
C PRO B 94 15.07 0.70 -4.13
N GLY B 95 13.99 1.32 -3.67
CA GLY B 95 13.22 2.21 -4.52
C GLY B 95 12.23 1.53 -5.45
N HIS B 96 12.18 0.20 -5.42
CA HIS B 96 11.49 -0.50 -6.51
C HIS B 96 11.02 -1.91 -6.16
N VAL B 97 9.72 -2.05 -6.03
CA VAL B 97 9.09 -3.33 -5.79
C VAL B 97 8.22 -3.61 -7.00
N PHE B 98 8.27 -4.82 -7.51
CA PHE B 98 7.59 -5.10 -8.76
C PHE B 98 7.42 -6.58 -9.01
N VAL B 99 6.52 -6.91 -9.93
CA VAL B 99 6.31 -8.28 -10.40
C VAL B 99 7.01 -8.46 -11.74
N ARG B 100 7.65 -9.59 -11.95
CA ARG B 100 8.19 -9.93 -13.27
C ARG B 100 8.06 -11.42 -13.51
N LEU B 101 7.43 -11.79 -14.62
CA LEU B 101 7.17 -13.21 -14.91
C LEU B 101 8.39 -13.95 -15.48
N SER B 102 9.39 -13.18 -15.90
CA SER B 102 10.62 -13.75 -16.46
C SER B 102 11.65 -12.66 -16.68
N GLU B 103 12.93 -12.99 -16.49
CA GLU B 103 14.05 -12.06 -16.63
C GLU B 103 13.91 -11.08 -17.81
N ASN B 104 13.36 -11.56 -18.92
CA ASN B 104 13.15 -10.73 -20.10
C ASN B 104 11.81 -9.98 -20.08
N GLY B 105 10.92 -10.37 -19.17
CA GLY B 105 9.55 -9.90 -19.16
C GLY B 105 9.31 -8.51 -18.59
N ILE B 106 8.09 -8.04 -18.77
CA ILE B 106 7.70 -6.73 -18.28
C ILE B 106 7.67 -6.72 -16.76
N GLU B 107 8.17 -5.65 -16.17
CA GLU B 107 8.02 -5.42 -14.74
C GLU B 107 6.74 -4.62 -14.47
N THR B 108 5.76 -5.23 -13.81
CA THR B 108 4.60 -4.46 -13.37
C THR B 108 4.91 -3.87 -12.01
N PRO B 109 4.83 -2.55 -11.89
CA PRO B 109 5.28 -1.94 -10.64
C PRO B 109 4.30 -2.15 -9.52
N ILE B 110 4.84 -2.45 -8.34
CA ILE B 110 4.07 -2.50 -7.12
C ILE B 110 4.30 -1.18 -6.34
N TRP B 111 5.55 -0.77 -6.26
CA TRP B 111 5.91 0.52 -5.66
C TRP B 111 7.23 1.04 -6.22
N ILE B 112 7.27 2.35 -6.44
CA ILE B 112 8.44 3.09 -6.89
C ILE B 112 8.58 4.33 -6.03
N GLY B 113 9.79 4.56 -5.53
CA GLY B 113 10.01 5.74 -4.71
C GLY B 113 11.47 5.94 -4.38
N ASP B 114 11.70 6.85 -3.44
CA ASP B 114 13.04 7.27 -3.01
C ASP B 114 13.72 6.06 -2.36
N VAL B 115 14.96 5.76 -2.73
CA VAL B 115 15.68 4.65 -2.11
C VAL B 115 15.87 4.90 -0.61
N ASN B 116 15.66 6.13 -0.18
CA ASN B 116 15.79 6.47 1.24
C ASN B 116 14.48 6.85 1.91
N ALA B 117 13.37 6.35 1.38
CA ALA B 117 12.05 6.68 1.93
C ALA B 117 11.95 6.41 3.42
N ASP B 118 12.64 5.37 3.90
CA ASP B 118 12.66 5.03 5.34
C ASP B 118 13.03 6.19 6.23
N GLU B 119 13.85 7.09 5.70
CA GLU B 119 14.37 8.20 6.49
C GLU B 119 13.60 9.48 6.22
N ASN B 120 12.59 9.40 5.36
CA ASN B 120 11.88 10.59 4.96
C ASN B 120 10.68 10.84 5.82
N TYR B 121 10.20 12.07 5.81
CA TYR B 121 9.14 12.46 6.73
C TYR B 121 7.94 12.95 5.93
N GLN B 122 6.77 12.55 6.39
CA GLN B 122 5.51 12.97 5.82
C GLN B 122 4.89 14.17 6.56
N SER B 123 4.54 15.22 5.82
CA SER B 123 4.05 16.46 6.42
C SER B 123 2.61 16.32 6.86
N VAL B 124 2.35 16.57 8.14
CA VAL B 124 1.00 16.51 8.68
C VAL B 124 0.73 17.76 9.50
N PRO B 125 -0.42 18.42 9.28
CA PRO B 125 -0.79 19.64 10.00
C PRO B 125 -0.89 19.43 11.52
N GLU B 126 -0.35 20.36 12.28
CA GLU B 126 -0.27 20.22 13.74
C GLU B 126 -1.56 19.77 14.42
N TYR B 127 -2.69 20.37 14.04
CA TYR B 127 -3.92 20.05 14.74
C TYR B 127 -4.39 18.62 14.48
N VAL B 128 -4.10 18.11 13.30
CA VAL B 128 -4.39 16.70 12.97
C VAL B 128 -3.57 15.81 13.87
N VAL B 129 -2.29 16.15 14.03
CA VAL B 129 -1.39 15.39 14.88
C VAL B 129 -1.84 15.44 16.34
N ARG B 130 -2.23 16.60 16.86
CA ARG B 130 -2.72 16.67 18.23
C ARG B 130 -4.01 15.88 18.36
N THR B 131 -4.84 15.94 17.32
CA THR B 131 -6.16 15.33 17.38
C THR B 131 -6.00 13.81 17.49
N ALA B 132 -5.11 13.26 16.68
CA ALA B 132 -4.81 11.84 16.70
C ALA B 132 -4.24 11.44 18.06
N ALA B 133 -3.24 12.19 18.51
CA ALA B 133 -2.54 11.91 19.74
C ALA B 133 -3.50 11.82 20.91
N ILE B 134 -4.40 12.79 20.99
CA ILE B 134 -5.36 12.87 22.07
C ILE B 134 -6.31 11.67 22.00
N ARG B 135 -6.64 11.23 20.79
CA ARG B 135 -7.53 10.08 20.64
C ARG B 135 -6.89 8.75 21.04
N ALA B 136 -5.56 8.66 20.99
CA ALA B 136 -4.87 7.48 21.50
C ALA B 136 -4.55 7.63 23.00
S SO4 C . 12.27 8.62 -12.46
O1 SO4 C . 13.15 7.45 -12.42
O2 SO4 C . 12.31 9.23 -13.77
O3 SO4 C . 12.62 9.63 -11.45
O4 SO4 C . 10.92 8.14 -12.23
#